data_5EF9
#
_entry.id   5EF9
#
_cell.length_a   40.857
_cell.length_b   46.876
_cell.length_c   87.677
_cell.angle_alpha   90.000
_cell.angle_beta   90.000
_cell.angle_gamma   90.000
#
_symmetry.space_group_name_H-M   'P 21 21 21'
#
loop_
_entity.id
_entity.type
_entity.pdbx_description
1 polymer 'Polymerase basic protein 2'
2 water water
#
_entity_poly.entity_id   1
_entity_poly.type   'polypeptide(L)'
_entity_poly.pdbx_seq_one_letter_code
;MKIRQRQRFGRLELKRISGRGFKNDEEILIGNGTIQKIGIWDGEEEFHVRCGECRGILKKSQMRMEKLLINSAKKEDMKD
LIILCMVFSQDTRMFQGVRGEINFLNRAGQLLSPMYQLQRYFLNRSNDLFDQWGYEESPKASELHGINELMNASDYTLKG
VVVTKNVDHHHHHH
;
_entity_poly.pdbx_strand_id   A
#
# COMPACT_ATOMS: atom_id res chain seq x y z
N ARG A 6 -6.62 16.67 1.42
CA ARG A 6 -5.82 15.76 2.25
C ARG A 6 -6.71 14.79 2.99
N GLN A 7 -6.20 13.59 3.23
CA GLN A 7 -6.94 12.61 3.99
C GLN A 7 -6.00 11.71 4.75
N ARG A 8 -6.56 10.97 5.71
CA ARG A 8 -5.76 10.07 6.54
C ARG A 8 -6.35 8.67 6.47
N PHE A 9 -5.48 7.66 6.44
CA PHE A 9 -5.92 6.29 6.56
C PHE A 9 -4.95 5.63 7.55
N GLY A 10 -5.28 5.68 8.84
CA GLY A 10 -4.31 5.28 9.84
C GLY A 10 -3.12 6.22 9.80
N ARG A 11 -1.91 5.66 9.81
CA ARG A 11 -0.70 6.48 9.75
C ARG A 11 -0.48 7.07 8.38
N LEU A 12 -1.24 6.60 7.39
CA LEU A 12 -1.03 7.05 6.03
C LEU A 12 -1.67 8.42 5.77
N GLU A 13 -0.90 9.35 5.22
CA GLU A 13 -1.40 10.66 4.83
C GLU A 13 -1.34 10.77 3.31
N LEU A 14 -2.45 11.21 2.69
CA LEU A 14 -2.51 11.31 1.24
C LEU A 14 -2.92 12.69 0.78
N LYS A 15 -2.28 13.16 -0.29
CA LYS A 15 -2.69 14.39 -0.99
C LYS A 15 -2.90 14.07 -2.46
N ARG A 16 -4.06 14.44 -3.02
CA ARG A 16 -4.31 14.11 -4.43
C ARG A 16 -3.36 14.86 -5.37
N ILE A 17 -2.85 14.15 -6.35
CA ILE A 17 -2.02 14.69 -7.42
C ILE A 17 -2.85 14.81 -8.69
N SER A 18 -3.70 13.83 -8.93
CA SER A 18 -4.50 13.80 -10.15
C SER A 18 -5.65 12.81 -10.03
N GLY A 19 -6.57 12.91 -10.98
CA GLY A 19 -7.73 12.03 -11.01
C GLY A 19 -8.88 12.60 -10.18
N ARG A 20 -10.00 11.89 -10.21
CA ARG A 20 -11.21 12.28 -9.50
C ARG A 20 -11.59 11.18 -8.49
N GLY A 21 -12.03 11.59 -7.31
CA GLY A 21 -12.43 10.63 -6.29
C GLY A 21 -13.87 10.17 -6.42
N PHE A 22 -14.11 8.98 -6.99
CA PHE A 22 -15.47 8.43 -7.02
C PHE A 22 -15.62 7.00 -6.47
N LYS A 23 -16.51 6.87 -5.50
CA LYS A 23 -16.66 5.64 -4.70
C LYS A 23 -18.04 5.02 -4.88
N ASN A 24 -18.09 3.69 -5.04
CA ASN A 24 -19.33 2.93 -5.09
C ASN A 24 -19.32 1.77 -4.10
N ASP A 25 -20.40 1.54 -3.36
CA ASP A 25 -20.42 0.37 -2.48
C ASP A 25 -20.43 -0.90 -3.31
N GLU A 26 -19.61 -1.86 -2.91
CA GLU A 26 -19.52 -3.13 -3.61
C GLU A 26 -19.36 -4.27 -2.62
N GLU A 27 -19.85 -5.46 -2.99
CA GLU A 27 -19.62 -6.64 -2.16
C GLU A 27 -18.39 -7.36 -2.71
N ILE A 28 -17.45 -7.66 -1.83
CA ILE A 28 -16.16 -8.23 -2.24
C ILE A 28 -15.93 -9.57 -1.54
N LEU A 29 -15.73 -10.63 -2.31
CA LEU A 29 -15.38 -11.93 -1.71
C LEU A 29 -13.88 -11.95 -1.45
N ILE A 30 -13.49 -11.93 -0.19
CA ILE A 30 -12.06 -11.83 0.12
C ILE A 30 -11.46 -13.23 0.37
N GLY A 31 -10.17 -13.28 0.69
CA GLY A 31 -9.43 -14.53 0.67
C GLY A 31 -9.81 -15.56 1.71
N ASN A 32 -10.52 -15.14 2.75
CA ASN A 32 -10.94 -16.07 3.80
C ASN A 32 -12.35 -16.61 3.56
N GLY A 33 -12.89 -16.30 2.38
CA GLY A 33 -14.18 -16.82 1.98
C GLY A 33 -15.39 -16.04 2.47
N THR A 34 -15.16 -14.88 3.08
CA THR A 34 -16.26 -14.03 3.51
C THR A 34 -16.53 -12.91 2.52
N ILE A 35 -17.76 -12.41 2.55
CA ILE A 35 -18.12 -11.27 1.71
C ILE A 35 -18.10 -9.98 2.53
N GLN A 36 -17.41 -8.96 2.02
CA GLN A 36 -17.32 -7.68 2.71
C GLN A 36 -17.97 -6.58 1.90
N LYS A 37 -18.68 -5.68 2.56
CA LYS A 37 -19.25 -4.52 1.89
C LYS A 37 -18.27 -3.35 1.99
N ILE A 38 -17.77 -2.88 0.86
CA ILE A 38 -16.71 -1.87 0.87
C ILE A 38 -16.99 -0.79 -0.15
N GLY A 39 -16.70 0.46 0.22
CA GLY A 39 -16.80 1.55 -0.73
C GLY A 39 -15.56 1.47 -1.61
N ILE A 40 -15.74 0.99 -2.82
CA ILE A 40 -14.63 0.80 -3.75
C ILE A 40 -14.41 2.04 -4.61
N TRP A 41 -13.21 2.58 -4.60
CA TRP A 41 -12.88 3.70 -5.45
C TRP A 41 -12.67 3.29 -6.91
N ASP A 42 -13.22 4.08 -7.82
CA ASP A 42 -13.17 3.80 -9.25
C ASP A 42 -12.44 4.94 -9.94
N GLY A 43 -11.65 4.63 -10.96
CA GLY A 43 -10.94 5.67 -11.70
C GLY A 43 -9.45 5.72 -11.43
N GLU A 44 -8.71 6.25 -12.39
CA GLU A 44 -7.25 6.42 -12.23
C GLU A 44 -6.99 7.63 -11.34
N GLU A 45 -6.14 7.44 -10.32
CA GLU A 45 -5.83 8.48 -9.36
C GLU A 45 -4.36 8.43 -9.04
N GLU A 46 -3.80 9.58 -8.69
CA GLU A 46 -2.42 9.64 -8.19
C GLU A 46 -2.39 10.46 -6.91
N PHE A 47 -1.53 10.05 -5.99
CA PHE A 47 -1.47 10.69 -4.67
C PHE A 47 -0.04 10.89 -4.23
N HIS A 48 0.20 11.98 -3.51
CA HIS A 48 1.37 12.06 -2.65
C HIS A 48 1.05 11.26 -1.41
N VAL A 49 1.97 10.42 -0.95
CA VAL A 49 1.70 9.63 0.24
C VAL A 49 2.81 9.77 1.26
N ARG A 50 2.46 9.63 2.53
CA ARG A 50 3.46 9.77 3.57
C ARG A 50 3.14 8.89 4.78
N CYS A 51 4.16 8.26 5.34
CA CYS A 51 4.00 7.55 6.60
C CYS A 51 5.27 7.80 7.39
N GLY A 52 5.17 8.50 8.53
CA GLY A 52 6.37 8.92 9.24
C GLY A 52 7.22 9.78 8.34
N GLU A 53 8.48 9.40 8.17
CA GLU A 53 9.46 10.14 7.37
C GLU A 53 9.56 9.58 5.97
N CYS A 54 8.74 8.60 5.66
CA CYS A 54 8.80 8.03 4.33
C CYS A 54 7.74 8.69 3.48
N ARG A 55 8.17 9.20 2.32
CA ARG A 55 7.25 9.83 1.38
C ARG A 55 7.28 9.11 0.06
N GLY A 56 6.18 9.18 -0.68
CA GLY A 56 6.15 8.55 -1.98
C GLY A 56 5.07 9.09 -2.88
N ILE A 57 5.00 8.51 -4.07
CA ILE A 57 3.93 8.82 -5.01
C ILE A 57 3.24 7.52 -5.36
N LEU A 58 1.92 7.52 -5.24
CA LEU A 58 1.09 6.34 -5.50
C LEU A 58 0.24 6.55 -6.75
N LYS A 59 0.32 5.63 -7.71
CA LYS A 59 -0.58 5.65 -8.85
C LYS A 59 -1.45 4.40 -8.80
N LYS A 60 -2.76 4.58 -8.91
CA LYS A 60 -3.66 3.44 -8.75
C LYS A 60 -4.89 3.58 -9.66
N SER A 61 -5.62 2.49 -9.83
CA SER A 61 -6.89 2.52 -10.53
C SER A 61 -7.81 1.59 -9.75
N GLN A 62 -8.99 1.28 -10.27
CA GLN A 62 -9.94 0.49 -9.46
C GLN A 62 -9.33 -0.82 -9.01
N MET A 63 -9.23 -1.00 -7.70
CA MET A 63 -8.71 -2.22 -7.05
C MET A 63 -7.37 -2.64 -7.63
N ARG A 64 -6.51 -1.66 -7.91
CA ARG A 64 -5.25 -1.96 -8.55
C ARG A 64 -4.20 -0.93 -8.20
N MET A 65 -3.19 -1.33 -7.42
CA MET A 65 -2.02 -0.48 -7.28
C MET A 65 -1.14 -0.70 -8.50
N GLU A 66 -0.93 0.36 -9.26
CA GLU A 66 -0.13 0.28 -10.48
C GLU A 66 1.34 0.58 -10.25
N LYS A 67 1.62 1.64 -9.50
CA LYS A 67 3.01 2.01 -9.24
C LYS A 67 3.12 2.73 -7.91
N LEU A 68 4.18 2.42 -7.18
CA LEU A 68 4.45 3.10 -5.92
C LEU A 68 5.93 3.42 -5.88
N LEU A 69 6.24 4.72 -5.87
CA LEU A 69 7.60 5.20 -5.77
C LEU A 69 7.80 5.84 -4.41
N ILE A 70 8.75 5.32 -3.62
CA ILE A 70 9.00 5.88 -2.29
C ILE A 70 10.48 6.23 -2.12
N ASN A 71 10.78 7.05 -1.12
CA ASN A 71 12.17 7.35 -0.81
C ASN A 71 12.75 6.41 0.24
N SER A 72 14.07 6.40 0.38
CA SER A 72 14.71 5.63 1.45
C SER A 72 14.44 6.31 2.78
N ALA A 73 14.07 5.53 3.80
CA ALA A 73 13.74 6.05 5.13
C ALA A 73 13.95 4.95 6.17
N LYS A 74 13.69 5.23 7.45
CA LYS A 74 13.66 4.14 8.43
C LYS A 74 12.81 3.01 7.91
N LYS A 75 13.30 1.79 8.09
CA LYS A 75 12.68 0.64 7.47
C LYS A 75 11.24 0.41 7.92
N GLU A 76 10.95 0.71 9.19
CA GLU A 76 9.60 0.50 9.69
C GLU A 76 8.60 1.43 9.00
N ASP A 77 9.07 2.63 8.63
CA ASP A 77 8.20 3.60 7.96
C ASP A 77 8.02 3.25 6.48
N MET A 78 9.08 2.73 5.87
CA MET A 78 9.00 2.25 4.48
C MET A 78 8.00 1.11 4.40
N LYS A 79 8.09 0.16 5.32
CA LYS A 79 7.24 -1.02 5.25
C LYS A 79 5.79 -0.67 5.52
N ASP A 80 5.56 0.15 6.55
CA ASP A 80 4.21 0.61 6.81
C ASP A 80 3.65 1.40 5.63
N LEU A 81 4.45 2.27 5.00
CA LEU A 81 3.95 3.03 3.86
C LEU A 81 3.51 2.09 2.75
N ILE A 82 4.36 1.10 2.46
CA ILE A 82 4.02 0.15 1.39
C ILE A 82 2.73 -0.62 1.71
N ILE A 83 2.67 -1.20 2.90
CA ILE A 83 1.47 -1.95 3.29
C ILE A 83 0.20 -1.07 3.26
N LEU A 84 0.28 0.13 3.83
CA LEU A 84 -0.89 1.02 3.87
C LEU A 84 -1.33 1.41 2.46
N CYS A 85 -0.38 1.58 1.55
CA CYS A 85 -0.72 1.91 0.17
C CYS A 85 -1.39 0.73 -0.52
N MET A 86 -0.88 -0.47 -0.28
CA MET A 86 -1.50 -1.69 -0.84
C MET A 86 -2.94 -1.84 -0.38
N VAL A 87 -3.17 -1.60 0.90
CA VAL A 87 -4.53 -1.71 1.46
C VAL A 87 -5.40 -0.56 0.97
N PHE A 88 -4.88 0.67 1.00
CA PHE A 88 -5.63 1.84 0.57
C PHE A 88 -6.04 1.70 -0.91
N SER A 89 -5.17 1.10 -1.71
CA SER A 89 -5.46 0.95 -3.14
CA SER A 89 -5.43 0.94 -3.14
C SER A 89 -6.55 -0.07 -3.41
N GLN A 90 -6.93 -0.81 -2.38
CA GLN A 90 -7.97 -1.84 -2.50
C GLN A 90 -7.61 -2.88 -3.53
N ASP A 91 -6.33 -3.18 -3.61
CA ASP A 91 -5.83 -4.07 -4.66
C ASP A 91 -6.38 -5.47 -4.47
N THR A 92 -6.75 -6.14 -5.57
CA THR A 92 -7.33 -7.49 -5.46
C THR A 92 -6.40 -8.49 -4.79
N ARG A 93 -5.09 -8.35 -5.00
CA ARG A 93 -4.12 -9.24 -4.36
C ARG A 93 -4.14 -9.08 -2.84
N MET A 94 -4.36 -7.85 -2.40
CA MET A 94 -4.47 -7.56 -0.98
C MET A 94 -5.71 -8.28 -0.39
N PHE A 95 -6.87 -8.19 -1.05
CA PHE A 95 -8.07 -8.85 -0.52
C PHE A 95 -7.86 -10.36 -0.42
N GLN A 96 -7.11 -10.91 -1.38
CA GLN A 96 -6.94 -12.36 -1.47
C GLN A 96 -5.96 -12.88 -0.42
N GLY A 97 -5.22 -11.97 0.21
CA GLY A 97 -4.23 -12.35 1.20
C GLY A 97 -4.73 -12.66 2.59
N VAL A 98 -6.01 -12.42 2.86
CA VAL A 98 -6.55 -12.63 4.20
C VAL A 98 -6.80 -14.11 4.54
N ARG A 99 -6.44 -14.53 5.75
CA ARG A 99 -6.67 -15.89 6.26
C ARG A 99 -7.30 -15.85 7.65
N GLY A 100 -8.22 -16.77 7.92
CA GLY A 100 -8.95 -16.73 9.17
C GLY A 100 -9.88 -15.53 9.26
N GLU A 101 -10.51 -15.31 10.41
CA GLU A 101 -11.47 -14.23 10.55
C GLU A 101 -10.81 -12.87 10.78
N ILE A 102 -11.32 -11.84 10.11
CA ILE A 102 -10.95 -10.46 10.44
C ILE A 102 -12.09 -9.85 11.25
N ASN A 103 -12.03 -10.09 12.56
CA ASN A 103 -13.08 -9.67 13.48
C ASN A 103 -12.54 -8.84 14.65
N PHE A 104 -11.56 -7.98 14.36
CA PHE A 104 -10.93 -7.17 15.40
C PHE A 104 -11.91 -6.15 15.96
N LEU A 105 -11.85 -5.92 17.26
CA LEU A 105 -12.70 -4.93 17.93
C LEU A 105 -11.96 -3.62 18.13
N ASN A 106 -12.68 -2.49 18.12
CA ASN A 106 -12.05 -1.23 18.50
C ASN A 106 -12.14 -1.07 20.01
N ARG A 107 -11.64 0.04 20.55
CA ARG A 107 -11.62 0.24 22.00
C ARG A 107 -13.01 0.47 22.58
N ALA A 108 -14.01 0.58 21.72
CA ALA A 108 -15.40 0.79 22.14
C ALA A 108 -16.20 -0.50 22.12
N GLY A 109 -15.54 -1.60 21.76
CA GLY A 109 -16.20 -2.89 21.68
C GLY A 109 -16.99 -3.12 20.40
N GLN A 110 -16.75 -2.30 19.38
CA GLN A 110 -17.38 -2.52 18.08
C GLN A 110 -16.40 -3.15 17.11
N LEU A 111 -16.92 -3.84 16.10
CA LEU A 111 -16.06 -4.32 15.01
C LEU A 111 -15.51 -3.15 14.21
N LEU A 112 -14.24 -3.22 13.83
CA LEU A 112 -13.71 -2.27 12.85
C LEU A 112 -14.46 -2.47 11.53
N SER A 113 -14.57 -1.40 10.74
CA SER A 113 -15.15 -1.51 9.40
C SER A 113 -14.14 -2.26 8.51
N PRO A 114 -14.61 -2.88 7.42
CA PRO A 114 -13.72 -3.74 6.63
C PRO A 114 -12.36 -3.13 6.22
N MET A 115 -12.30 -1.89 5.74
CA MET A 115 -11.00 -1.35 5.32
C MET A 115 -10.04 -1.24 6.50
N TYR A 116 -10.58 -0.99 7.69
CA TYR A 116 -9.73 -0.87 8.86
C TYR A 116 -9.43 -2.25 9.46
N GLN A 117 -10.31 -3.23 9.28
CA GLN A 117 -9.94 -4.64 9.56
C GLN A 117 -8.70 -5.01 8.77
N LEU A 118 -8.70 -4.64 7.49
CA LEU A 118 -7.62 -5.04 6.58
C LEU A 118 -6.32 -4.30 6.91
N GLN A 119 -6.45 -3.02 7.26
CA GLN A 119 -5.28 -2.25 7.68
C GLN A 119 -4.63 -2.92 8.91
N ARG A 120 -5.46 -3.27 9.88
CA ARG A 120 -4.97 -3.84 11.12
C ARG A 120 -4.37 -5.23 10.88
N TYR A 121 -5.04 -6.03 10.06
CA TYR A 121 -4.56 -7.38 9.75
C TYR A 121 -3.20 -7.35 9.06
N PHE A 122 -3.06 -6.56 8.00
CA PHE A 122 -1.83 -6.61 7.22
C PHE A 122 -0.65 -5.82 7.80
N LEU A 123 -0.92 -4.77 8.58
CA LEU A 123 0.21 -4.07 9.23
C LEU A 123 0.97 -5.02 10.13
N ASN A 124 0.24 -5.97 10.71
CA ASN A 124 0.84 -6.90 11.67
C ASN A 124 1.04 -8.31 11.12
N ARG A 125 0.74 -8.50 9.84
CA ARG A 125 0.94 -9.79 9.18
C ARG A 125 1.30 -9.50 7.73
N SER A 126 2.41 -8.80 7.54
CA SER A 126 2.80 -8.34 6.21
C SER A 126 3.16 -9.46 5.26
N ASN A 127 3.56 -10.61 5.79
CA ASN A 127 4.01 -11.66 4.89
C ASN A 127 2.83 -12.26 4.13
N ASP A 128 1.64 -12.20 4.71
CA ASP A 128 0.41 -12.67 4.04
C ASP A 128 0.08 -11.81 2.81
N LEU A 129 0.47 -10.55 2.89
CA LEU A 129 0.26 -9.61 1.81
C LEU A 129 1.34 -9.78 0.73
N PHE A 130 2.59 -9.75 1.17
CA PHE A 130 3.72 -9.76 0.23
C PHE A 130 3.80 -11.06 -0.54
N ASP A 131 3.41 -12.16 0.11
CA ASP A 131 3.33 -13.46 -0.55
C ASP A 131 2.30 -13.47 -1.71
N GLN A 132 1.19 -12.77 -1.54
CA GLN A 132 0.19 -12.75 -2.61
C GLN A 132 0.53 -11.69 -3.66
N TRP A 133 1.41 -10.78 -3.30
CA TRP A 133 1.64 -9.60 -4.14
C TRP A 133 2.45 -9.92 -5.39
N GLY A 134 3.47 -10.74 -5.22
CA GLY A 134 4.34 -11.11 -6.32
C GLY A 134 5.60 -10.26 -6.41
N TYR A 135 6.62 -10.83 -7.03
CA TYR A 135 7.89 -10.15 -7.22
C TYR A 135 8.23 -10.11 -8.68
N GLU A 136 8.89 -9.04 -9.11
CA GLU A 136 9.34 -8.89 -10.49
C GLU A 136 10.79 -8.44 -10.50
N GLU A 137 11.41 -8.46 -11.67
CA GLU A 137 12.76 -7.93 -11.82
C GLU A 137 12.83 -6.45 -11.43
N SER A 138 13.89 -6.05 -10.73
CA SER A 138 14.01 -4.66 -10.31
C SER A 138 14.17 -3.75 -11.50
N PRO A 139 13.78 -2.47 -11.36
CA PRO A 139 13.94 -1.59 -12.51
C PRO A 139 15.42 -1.31 -12.72
N LYS A 140 15.84 -1.11 -13.95
CA LYS A 140 17.22 -0.70 -14.18
C LYS A 140 17.23 0.64 -14.89
N ALA A 141 16.42 1.54 -14.37
CA ALA A 141 16.55 2.96 -14.63
C ALA A 141 17.38 3.51 -13.47
N SER A 142 18.42 4.26 -13.81
CA SER A 142 19.48 4.67 -12.88
C SER A 142 19.03 5.26 -11.53
N GLU A 143 17.93 5.98 -11.51
CA GLU A 143 17.52 6.69 -10.30
C GLU A 143 16.71 5.80 -9.34
N LEU A 144 16.28 4.64 -9.84
CA LEU A 144 15.39 3.76 -9.06
C LEU A 144 16.06 2.43 -8.71
N HIS A 145 15.74 1.87 -7.55
CA HIS A 145 16.13 0.48 -7.28
C HIS A 145 14.96 -0.32 -6.73
N GLY A 146 15.11 -1.64 -6.75
CA GLY A 146 14.05 -2.52 -6.32
C GLY A 146 14.16 -2.74 -4.84
N ILE A 147 13.07 -3.19 -4.22
CA ILE A 147 13.06 -3.38 -2.78
C ILE A 147 12.44 -4.72 -2.45
N ASN A 148 13.05 -5.47 -1.53
CA ASN A 148 12.47 -6.76 -1.14
C ASN A 148 11.70 -6.65 0.17
N GLU A 149 11.27 -7.79 0.70
CA GLU A 149 10.39 -7.82 1.87
C GLU A 149 11.03 -7.25 3.13
N LEU A 150 12.36 -7.18 3.13
CA LEU A 150 13.16 -6.65 4.23
C LEU A 150 13.46 -5.17 4.09
N MET A 151 12.91 -4.56 3.06
CA MET A 151 13.14 -3.15 2.73
C MET A 151 14.61 -2.88 2.36
N ASN A 152 15.27 -3.90 1.84
CA ASN A 152 16.62 -3.78 1.31
C ASN A 152 16.64 -3.61 -0.19
N ALA A 153 17.62 -2.88 -0.70
CA ALA A 153 17.83 -2.80 -2.14
C ALA A 153 18.07 -4.21 -2.67
N SER A 154 17.47 -4.54 -3.81
CA SER A 154 17.48 -5.92 -4.26
C SER A 154 17.33 -6.04 -5.78
N ASP A 155 17.73 -7.20 -6.31
CA ASP A 155 17.64 -7.46 -7.74
C ASP A 155 16.23 -7.82 -8.15
N TYR A 156 15.40 -8.15 -7.16
CA TYR A 156 13.98 -8.35 -7.40
C TYR A 156 13.23 -7.34 -6.56
N THR A 157 11.98 -7.04 -6.90
CA THR A 157 11.23 -6.05 -6.15
C THR A 157 9.78 -6.48 -6.02
N LEU A 158 9.13 -6.04 -4.94
CA LEU A 158 7.69 -6.17 -4.84
C LEU A 158 7.08 -5.55 -6.10
N LYS A 159 6.16 -6.25 -6.74
CA LYS A 159 5.67 -5.82 -8.04
C LYS A 159 5.14 -4.38 -8.00
N GLY A 160 5.66 -3.52 -8.87
CA GLY A 160 5.20 -2.15 -8.99
C GLY A 160 5.78 -1.18 -7.99
N VAL A 161 6.62 -1.67 -7.09
CA VAL A 161 7.22 -0.81 -6.06
C VAL A 161 8.66 -0.48 -6.39
N VAL A 162 9.03 0.80 -6.37
CA VAL A 162 10.42 1.21 -6.59
C VAL A 162 10.86 2.26 -5.58
N VAL A 163 12.17 2.37 -5.36
CA VAL A 163 12.70 3.24 -4.34
C VAL A 163 13.76 4.17 -4.93
N THR A 164 13.70 5.44 -4.54
CA THR A 164 14.75 6.39 -4.94
C THR A 164 15.94 6.31 -3.98
N LYS A 165 17.14 6.53 -4.52
CA LYS A 165 18.34 6.62 -3.68
C LYS A 165 18.50 8.03 -3.12
N ASN A 166 19.07 8.11 -1.92
CA ASN A 166 19.42 9.39 -1.30
C ASN A 166 20.74 9.94 -1.85
N VAL A 167 20.66 10.71 -2.93
CA VAL A 167 21.84 11.21 -3.63
C VAL A 167 21.94 12.73 -3.57
N ASP A 168 23.16 13.23 -3.38
CA ASP A 168 23.42 14.67 -3.44
C ASP A 168 23.60 15.10 -4.90
N HIS A 169 22.48 15.23 -5.60
CA HIS A 169 22.47 15.42 -7.06
C HIS A 169 23.25 16.63 -7.57
N HIS A 170 23.21 17.73 -6.82
CA HIS A 170 23.82 18.97 -7.28
C HIS A 170 25.10 19.31 -6.52
N HIS A 171 25.68 18.31 -5.87
CA HIS A 171 26.93 18.47 -5.14
C HIS A 171 26.85 19.64 -4.15
N HIS A 172 25.81 19.64 -3.32
CA HIS A 172 25.70 20.63 -2.26
C HIS A 172 26.63 20.30 -1.10
N HIS A 173 26.77 19.02 -0.80
CA HIS A 173 27.42 18.53 0.42
C HIS A 173 26.74 19.07 1.66
#